data_3J4S
#
_entry.id   3J4S
#
_cell.length_a   1.000
_cell.length_b   1.000
_cell.length_c   1.000
_cell.angle_alpha   90.00
_cell.angle_beta   90.00
_cell.angle_gamma   90.00
#
_symmetry.space_group_name_H-M   'P 1'
#
loop_
_entity.id
_entity.type
_entity.pdbx_description
1 polymer 'FtsZ/tubulin-related protein'
2 non-polymer "GUANOSINE-5'-DIPHOSPHATE"
#
_entity_poly.entity_id   1
_entity_poly.type   'polypeptide(L)'
_entity_poly.pdbx_seq_one_letter_code
;MLLNSNELEHIHSTNHSVNDISIRWGVIGAGQKGNKEADLFAGYKFSNGTTCYPTLAVNFAESDMMHLQNIIKEDRIHFD
GLKGAARTPSVVTDLFDPETNPNANGYLDKLAQELGRKFTNEEGEVIVDQFLICLGAGGGVGTGWGSLVLQLIREQFFPC
PVSMLISLPSGDPDEINNALVLLSEIDEFMREQDRLFGNSDIKPLANVIVNDNTQMQRIIESQKGTKDLKNRYVNWKEVA
NDNVVSTLHEINIIPENYGSDNVTYDPSDLIKLLSIPGRFLTIGKARIAKFDLHSLENSIKRSLDEGFFSAEHQFETATM
YGGFVLRPSNADFFKDVNTENRIRNTLGEYKRLDEIAGKFGDPIWDNEYAVCYTIFAGMTMPKRYISLAREGKELAEKQE
QLRAEAQRKQDEEKVDISFATNRVQKNTFNPYNKNQGFGGASRFSGGKNSAFKRQTSEATSTQNQQEEENIISTLKTSNP
FKKR
;
_entity_poly.pdbx_strand_id   A
#
loop_
_chem_comp.id
_chem_comp.type
_chem_comp.name
_chem_comp.formula
GDP RNA linking GUANOSINE-5'-DIPHOSPHATE 'C10 H15 N5 O11 P2'
#
# COMPACT_ATOMS: atom_id res chain seq x y z
N MET A 1 5.31 16.46 -9.91
CA MET A 1 3.85 16.29 -9.76
C MET A 1 3.26 15.55 -10.93
N LEU A 2 2.52 14.44 -10.70
CA LEU A 2 1.79 13.82 -11.77
C LEU A 2 0.41 13.78 -11.31
N LEU A 3 -0.48 14.45 -12.03
CA LEU A 3 -1.88 14.33 -11.78
C LEU A 3 -2.26 13.25 -12.68
N ASN A 4 -3.42 12.70 -12.41
CA ASN A 4 -3.78 11.51 -13.06
C ASN A 4 -5.05 11.24 -12.45
N SER A 5 -5.76 12.29 -12.10
CA SER A 5 -7.05 12.03 -11.75
C SER A 5 -7.57 13.35 -11.80
N ASN A 6 -8.84 13.39 -12.04
CA ASN A 6 -9.69 14.51 -12.14
C ASN A 6 -9.54 15.28 -10.96
N GLU A 7 -9.52 14.54 -9.94
CA GLU A 7 -9.40 14.95 -8.65
C GLU A 7 -8.19 15.60 -8.48
N LEU A 8 -7.16 14.97 -8.98
CA LEU A 8 -5.88 15.41 -8.70
C LEU A 8 -5.71 16.64 -9.33
N GLU A 9 -6.28 16.69 -10.49
CA GLU A 9 -6.30 17.83 -11.23
C GLU A 9 -6.98 18.83 -10.49
N HIS A 10 -8.15 18.50 -9.95
CA HIS A 10 -9.05 19.41 -9.38
C HIS A 10 -8.33 20.03 -8.33
N ILE A 11 -7.60 19.26 -7.63
CA ILE A 11 -6.82 19.77 -6.60
C ILE A 11 -5.86 20.72 -7.10
N HIS A 12 -5.18 20.31 -8.08
CA HIS A 12 -4.04 21.02 -8.45
C HIS A 12 -4.31 22.21 -9.13
N SER A 13 -5.48 22.25 -9.67
CA SER A 13 -5.93 23.32 -10.43
C SER A 13 -6.39 24.30 -9.50
N THR A 14 -6.63 23.86 -8.30
CA THR A 14 -7.24 24.73 -7.41
C THR A 14 -6.24 25.25 -6.53
N ASN A 15 -5.44 24.39 -5.96
CA ASN A 15 -4.47 24.84 -5.05
C ASN A 15 -3.26 24.54 -5.72
N HIS A 16 -2.33 25.41 -5.35
CA HIS A 16 -1.09 25.54 -5.96
C HIS A 16 -0.21 26.01 -4.91
N SER A 17 -0.61 25.76 -3.70
CA SER A 17 0.15 26.07 -2.56
C SER A 17 0.58 24.77 -2.06
N VAL A 18 0.30 23.75 -2.84
CA VAL A 18 0.55 22.40 -2.56
C VAL A 18 1.96 22.20 -2.52
N ASN A 19 2.46 22.20 -1.34
CA ASN A 19 3.81 22.26 -1.15
C ASN A 19 3.94 21.51 0.07
N ASP A 20 2.88 20.76 0.45
CA ASP A 20 2.75 20.41 1.83
C ASP A 20 2.12 19.08 1.96
N ILE A 21 2.69 18.19 2.80
CA ILE A 21 2.17 16.86 3.05
C ILE A 21 1.95 16.69 4.46
N SER A 22 1.34 15.56 4.75
CA SER A 22 1.10 15.09 6.03
C SER A 22 2.23 14.23 6.41
N ILE A 23 2.51 13.14 5.69
CA ILE A 23 3.51 12.27 6.20
C ILE A 23 4.53 12.03 5.24
N ARG A 24 5.73 12.16 5.77
CA ARG A 24 6.93 11.98 5.09
C ARG A 24 7.19 10.56 5.07
N TRP A 25 6.72 9.93 4.01
CA TRP A 25 7.14 8.61 3.77
C TRP A 25 8.47 8.54 3.17
N GLY A 26 9.20 7.51 3.58
CA GLY A 26 10.47 7.20 3.02
C GLY A 26 10.23 5.99 2.27
N VAL A 27 10.29 6.19 0.97
CA VAL A 27 9.83 5.21 0.10
C VAL A 27 10.99 4.39 -0.19
N ILE A 28 10.91 3.14 0.17
CA ILE A 28 11.89 2.23 -0.25
C ILE A 28 11.08 1.36 -1.09
N GLY A 29 11.53 1.21 -2.35
CA GLY A 29 10.84 0.41 -3.30
C GLY A 29 11.78 -0.69 -3.60
N ALA A 30 11.23 -1.91 -3.38
CA ALA A 30 11.91 -3.15 -3.57
C ALA A 30 11.16 -3.92 -4.60
N GLY A 31 11.92 -4.56 -5.51
CA GLY A 31 11.37 -5.42 -6.53
C GLY A 31 10.65 -4.64 -7.53
N GLN A 32 10.45 -5.26 -8.69
CA GLN A 32 9.91 -4.70 -9.87
C GLN A 32 8.79 -3.83 -9.52
N LYS A 33 7.85 -4.43 -8.85
CA LYS A 33 6.73 -3.73 -8.44
C LYS A 33 6.95 -2.54 -7.67
N GLY A 34 7.73 -2.67 -6.60
CA GLY A 34 7.96 -1.61 -5.68
C GLY A 34 8.59 -0.50 -6.36
N ASN A 35 9.52 -0.84 -7.22
CA ASN A 35 10.24 0.13 -7.92
C ASN A 35 9.34 0.92 -8.73
N LYS A 36 8.51 0.17 -9.40
CA LYS A 36 7.64 0.76 -10.30
C LYS A 36 6.78 1.74 -9.66
N GLU A 37 6.32 1.40 -8.49
CA GLU A 37 5.49 2.28 -7.75
C GLU A 37 6.23 3.45 -7.40
N ALA A 38 7.42 3.19 -6.95
CA ALA A 38 8.25 4.18 -6.44
C ALA A 38 8.38 5.26 -7.40
N ASP A 39 8.63 4.94 -8.65
CA ASP A 39 8.75 5.95 -9.66
C ASP A 39 7.62 6.89 -9.68
N LEU A 40 6.45 6.39 -9.37
CA LEU A 40 5.28 7.19 -9.33
C LEU A 40 5.31 8.09 -8.21
N PHE A 41 5.59 7.57 -7.02
CA PHE A 41 5.74 8.37 -5.85
C PHE A 41 6.66 9.48 -6.09
N ALA A 42 7.69 9.07 -6.82
CA ALA A 42 8.79 9.83 -7.24
C ALA A 42 8.34 10.91 -8.09
N GLY A 43 7.22 10.71 -8.75
CA GLY A 43 6.67 11.62 -9.68
C GLY A 43 6.12 12.77 -8.93
N TYR A 44 5.93 12.69 -7.62
CA TYR A 44 5.35 13.80 -6.95
C TYR A 44 6.35 14.80 -6.55
N LYS A 45 5.98 16.05 -6.90
CA LYS A 45 6.66 17.23 -6.56
C LYS A 45 5.59 18.19 -6.27
N PHE A 46 5.94 19.34 -5.70
CA PHE A 46 5.07 20.28 -5.12
C PHE A 46 4.86 21.39 -6.01
N SER A 47 4.28 22.47 -5.49
CA SER A 47 3.80 23.61 -6.17
C SER A 47 4.85 24.58 -6.03
N ASN A 48 5.94 24.16 -6.62
CA ASN A 48 7.23 24.72 -6.55
C ASN A 48 8.08 23.60 -6.94
N GLY A 49 7.47 22.58 -7.53
CA GLY A 49 8.04 21.39 -8.07
C GLY A 49 8.99 20.83 -7.15
N THR A 50 8.59 20.61 -5.92
CA THR A 50 9.56 20.14 -5.05
C THR A 50 9.10 18.82 -4.75
N THR A 51 9.91 17.77 -4.95
CA THR A 51 9.54 16.45 -4.59
C THR A 51 8.78 16.32 -3.39
N CYS A 52 8.10 15.25 -3.36
CA CYS A 52 7.32 15.00 -2.26
C CYS A 52 8.12 14.00 -1.57
N TYR A 53 8.10 12.73 -1.93
CA TYR A 53 8.71 11.78 -1.02
C TYR A 53 10.08 11.51 -1.45
N PRO A 54 10.90 11.04 -0.55
CA PRO A 54 12.23 10.63 -0.87
C PRO A 54 12.23 9.17 -0.87
N THR A 55 12.98 8.69 -1.81
CA THR A 55 12.76 7.42 -2.32
C THR A 55 14.07 6.79 -2.57
N LEU A 56 14.27 5.57 -2.11
CA LEU A 56 15.37 4.80 -2.59
C LEU A 56 14.72 3.69 -3.32
N ALA A 57 15.41 3.23 -4.38
CA ALA A 57 15.05 2.07 -5.13
C ALA A 57 16.13 1.10 -5.00
N VAL A 58 15.70 -0.14 -4.81
CA VAL A 58 16.62 -1.18 -4.55
C VAL A 58 16.26 -2.16 -5.54
N ASN A 59 17.32 -2.81 -6.00
CA ASN A 59 17.15 -3.96 -6.77
C ASN A 59 18.47 -4.55 -6.77
N PHE A 60 18.56 -5.70 -7.41
CA PHE A 60 19.67 -6.53 -7.20
C PHE A 60 20.70 -6.06 -8.10
N ALA A 61 20.35 -5.69 -9.30
CA ALA A 61 21.31 -5.35 -10.26
C ALA A 61 20.83 -4.18 -10.94
N GLU A 62 21.73 -3.65 -11.75
CA GLU A 62 21.60 -2.34 -12.27
C GLU A 62 20.52 -2.27 -13.30
N SER A 63 20.58 -3.24 -14.21
CA SER A 63 19.81 -3.29 -15.42
C SER A 63 18.37 -3.30 -15.15
N ASP A 64 18.09 -3.97 -14.05
CA ASP A 64 16.92 -4.08 -13.28
C ASP A 64 16.24 -2.81 -13.03
N MET A 65 16.88 -1.68 -13.32
CA MET A 65 16.51 -0.47 -12.72
C MET A 65 16.56 0.49 -13.85
N MET A 66 16.66 0.02 -15.09
CA MET A 66 16.81 0.90 -16.17
C MET A 66 15.62 1.67 -16.58
N HIS A 67 14.41 1.12 -16.47
CA HIS A 67 13.35 1.79 -17.15
C HIS A 67 12.80 2.82 -16.34
N LEU A 68 13.39 3.12 -15.19
CA LEU A 68 12.83 4.05 -14.26
C LEU A 68 13.05 5.40 -14.76
N GLN A 69 12.09 6.26 -14.47
CA GLN A 69 11.99 7.48 -15.16
C GLN A 69 12.22 8.56 -14.26
N ASN A 70 12.73 8.28 -13.08
CA ASN A 70 12.88 9.33 -12.16
C ASN A 70 13.96 8.93 -11.31
N ILE A 71 14.26 7.64 -11.29
CA ILE A 71 15.23 7.17 -10.38
C ILE A 71 16.49 7.32 -11.06
N ILE A 72 17.47 7.69 -10.29
CA ILE A 72 18.75 7.85 -10.80
C ILE A 72 19.43 6.76 -10.20
N LYS A 73 20.50 6.41 -10.84
CA LYS A 73 21.36 5.33 -10.54
C LYS A 73 21.78 5.28 -9.14
N GLU A 74 21.95 6.46 -8.55
CA GLU A 74 22.34 6.63 -7.20
C GLU A 74 21.32 6.07 -6.30
N ASP A 75 20.08 6.15 -6.75
CA ASP A 75 18.98 5.62 -6.04
C ASP A 75 18.66 4.32 -6.58
N ARG A 76 19.46 3.79 -7.50
CA ARG A 76 19.35 2.45 -7.93
C ARG A 76 20.37 1.69 -7.22
N ILE A 77 20.01 1.02 -6.14
CA ILE A 77 20.96 0.31 -5.34
C ILE A 77 20.95 -1.04 -5.84
N HIS A 78 22.10 -1.61 -6.08
CA HIS A 78 22.08 -2.97 -6.40
C HIS A 78 23.33 -3.52 -6.00
N PHE A 79 23.33 -4.83 -5.87
CA PHE A 79 24.46 -5.51 -5.34
C PHE A 79 24.60 -6.60 -6.24
N ASP A 80 25.83 -6.79 -6.72
CA ASP A 80 25.99 -7.43 -7.98
C ASP A 80 27.25 -8.20 -7.89
N GLY A 81 27.50 -9.10 -8.85
CA GLY A 81 28.71 -9.86 -8.89
C GLY A 81 28.35 -11.11 -9.58
N LEU A 82 27.59 -11.96 -8.86
CA LEU A 82 27.09 -13.19 -9.40
C LEU A 82 26.00 -12.84 -10.35
N LYS A 83 25.91 -13.65 -11.41
CA LYS A 83 24.91 -13.51 -12.44
C LYS A 83 23.93 -14.59 -12.22
N GLY A 84 22.64 -14.29 -12.44
CA GLY A 84 21.55 -15.18 -12.17
C GLY A 84 21.33 -15.34 -10.70
N ALA A 85 20.15 -15.84 -10.30
CA ALA A 85 19.92 -16.31 -8.96
C ALA A 85 18.68 -17.11 -9.02
N ALA A 86 18.27 -17.70 -7.87
CA ALA A 86 17.22 -18.69 -7.82
C ALA A 86 15.93 -18.04 -7.39
N ARG A 87 15.91 -16.69 -7.27
CA ARG A 87 14.80 -15.91 -6.80
C ARG A 87 14.34 -16.40 -5.47
N THR A 88 15.30 -16.91 -4.70
CA THR A 88 14.96 -17.31 -3.41
C THR A 88 15.34 -16.10 -2.69
N PRO A 89 14.63 -15.80 -1.69
CA PRO A 89 14.85 -14.61 -0.93
C PRO A 89 15.98 -14.91 -0.06
N SER A 90 16.36 -16.18 -0.03
CA SER A 90 17.41 -16.63 0.78
C SER A 90 18.65 -16.18 0.16
N VAL A 91 18.64 -15.72 -1.07
CA VAL A 91 19.82 -15.17 -1.61
C VAL A 91 20.20 -13.91 -0.88
N VAL A 92 19.17 -13.13 -0.60
CA VAL A 92 19.29 -11.79 -0.13
C VAL A 92 19.94 -11.73 1.18
N THR A 93 19.32 -12.45 2.08
CA THR A 93 19.67 -12.66 3.43
C THR A 93 21.09 -12.98 3.62
N ASP A 94 21.63 -13.69 2.62
CA ASP A 94 22.95 -14.21 2.68
C ASP A 94 23.85 -13.13 2.60
N LEU A 95 23.49 -12.25 1.68
CA LEU A 95 24.34 -11.20 1.31
C LEU A 95 24.57 -10.29 2.41
N PHE A 96 23.74 -10.34 3.44
CA PHE A 96 23.96 -9.51 4.57
C PHE A 96 24.22 -10.31 5.74
N ASP A 97 24.43 -11.60 5.59
CA ASP A 97 24.61 -12.39 6.74
C ASP A 97 26.05 -12.68 6.63
N PRO A 98 26.87 -12.38 7.60
CA PRO A 98 28.26 -12.72 7.65
C PRO A 98 28.53 -14.12 7.31
N GLU A 99 27.74 -15.04 7.90
CA GLU A 99 28.05 -16.44 7.81
C GLU A 99 28.09 -16.93 6.42
N THR A 100 27.08 -16.63 5.64
CA THR A 100 27.12 -16.95 4.24
C THR A 100 28.01 -16.02 3.49
N ASN A 101 27.86 -14.72 3.78
CA ASN A 101 28.54 -13.73 3.02
C ASN A 101 29.29 -12.95 4.03
N PRO A 102 30.55 -13.05 4.15
CA PRO A 102 31.30 -12.39 5.18
C PRO A 102 31.24 -10.91 5.08
N ASN A 103 31.22 -10.44 3.85
CA ASN A 103 31.23 -9.07 3.44
C ASN A 103 29.86 -8.51 3.46
N ALA A 104 29.02 -9.24 4.18
CA ALA A 104 27.66 -9.04 4.41
C ALA A 104 27.35 -7.67 4.70
N ASN A 105 28.13 -7.36 5.67
CA ASN A 105 28.23 -6.24 6.45
C ASN A 105 28.68 -5.16 5.67
N GLY A 106 29.47 -5.48 4.65
CA GLY A 106 30.01 -4.48 3.81
C GLY A 106 28.91 -3.82 3.15
N TYR A 107 28.01 -4.62 2.67
CA TYR A 107 26.85 -4.10 2.05
C TYR A 107 26.03 -3.27 2.88
N LEU A 108 25.80 -3.73 4.08
CA LEU A 108 24.97 -3.07 5.02
C LEU A 108 25.31 -1.68 5.25
N ASP A 109 26.58 -1.48 5.18
CA ASP A 109 27.14 -0.21 5.37
C ASP A 109 26.68 0.74 4.40
N LYS A 110 26.68 0.27 3.18
CA LYS A 110 26.33 1.04 2.06
C LYS A 110 24.91 1.33 2.05
N LEU A 111 24.17 0.57 2.79
CA LEU A 111 22.81 0.77 2.84
C LEU A 111 22.56 1.78 3.79
N ALA A 112 23.17 1.60 4.96
CA ALA A 112 23.19 2.53 6.00
C ALA A 112 23.66 3.84 5.52
N GLN A 113 24.55 3.80 4.56
CA GLN A 113 25.20 4.90 4.04
C GLN A 113 24.28 5.65 3.23
N GLU A 114 23.63 4.97 2.32
CA GLU A 114 22.81 5.63 1.38
C GLU A 114 21.59 6.07 1.88
N LEU A 115 21.23 5.38 2.91
CA LEU A 115 20.22 5.83 3.74
C LEU A 115 20.63 7.13 4.28
N GLY A 116 21.84 7.22 4.82
CA GLY A 116 22.38 8.45 5.31
C GLY A 116 22.35 9.53 4.33
N ARG A 117 22.72 9.17 3.10
CA ARG A 117 22.88 10.08 2.06
C ARG A 117 21.58 10.63 1.75
N LYS A 118 20.60 9.76 1.80
CA LYS A 118 19.39 10.16 1.27
C LYS A 118 18.61 10.73 2.35
N PHE A 119 18.91 10.47 3.61
CA PHE A 119 17.94 10.84 4.58
C PHE A 119 18.48 11.66 5.55
N THR A 120 19.65 12.17 5.27
CA THR A 120 20.08 13.23 6.06
C THR A 120 20.33 14.24 5.11
N ASN A 121 20.54 15.37 5.75
CA ASN A 121 20.64 16.57 5.07
C ASN A 121 22.00 16.83 5.40
N GLU A 122 22.16 17.38 6.58
CA GLU A 122 23.42 17.57 7.12
C GLU A 122 23.07 17.93 8.48
N GLU A 123 21.89 17.56 8.96
CA GLU A 123 21.74 17.63 10.38
C GLU A 123 22.02 16.26 10.78
N GLY A 124 22.19 15.35 9.80
CA GLY A 124 22.32 13.96 10.08
C GLY A 124 20.97 13.49 10.44
N GLU A 125 19.97 14.41 10.45
CA GLU A 125 18.64 14.15 10.78
C GLU A 125 18.06 13.28 9.78
N VAL A 126 17.15 12.44 10.23
CA VAL A 126 16.40 11.62 9.37
C VAL A 126 15.33 12.51 8.98
N ILE A 127 15.02 12.47 7.71
CA ILE A 127 14.15 13.42 7.16
C ILE A 127 12.94 12.69 6.84
N VAL A 128 12.63 11.65 7.60
CA VAL A 128 11.61 10.74 7.24
C VAL A 128 10.69 10.68 8.38
N ASP A 129 9.48 10.13 8.15
CA ASP A 129 8.46 9.97 9.14
C ASP A 129 8.24 8.52 9.28
N GLN A 130 8.03 7.84 8.18
CA GLN A 130 7.80 6.45 8.34
C GLN A 130 8.25 5.95 7.10
N PHE A 131 8.68 4.72 7.13
CA PHE A 131 9.21 4.09 6.00
C PHE A 131 8.05 3.51 5.40
N LEU A 132 7.97 3.64 4.10
CA LEU A 132 6.99 3.07 3.30
C LEU A 132 7.73 2.14 2.47
N ILE A 133 7.52 0.86 2.74
CA ILE A 133 8.18 -0.11 2.00
C ILE A 133 7.19 -0.78 1.16
N CYS A 134 7.55 -0.87 -0.10
CA CYS A 134 6.68 -1.35 -1.09
C CYS A 134 7.17 -2.63 -1.53
N LEU A 135 6.24 -3.57 -1.59
CA LEU A 135 6.52 -4.89 -1.99
C LEU A 135 5.38 -5.39 -2.77
N GLY A 136 5.74 -6.25 -3.74
CA GLY A 136 4.95 -7.21 -4.43
C GLY A 136 5.46 -8.53 -3.99
N ALA A 137 4.58 -9.38 -3.42
CA ALA A 137 4.95 -10.69 -2.95
C ALA A 137 5.25 -11.68 -4.06
N GLY A 138 6.06 -12.70 -3.71
CA GLY A 138 6.62 -13.68 -4.61
C GLY A 138 7.92 -13.17 -5.16
N GLY A 139 8.27 -11.91 -4.85
CA GLY A 139 9.44 -11.32 -5.36
C GLY A 139 10.41 -11.60 -4.32
N GLY A 140 11.33 -12.55 -4.61
CA GLY A 140 12.42 -13.04 -3.78
C GLY A 140 13.07 -11.94 -3.03
N VAL A 141 13.30 -10.86 -3.78
CA VAL A 141 14.04 -9.70 -3.39
C VAL A 141 13.28 -9.07 -2.30
N GLY A 142 12.01 -8.84 -2.57
CA GLY A 142 11.11 -8.26 -1.63
C GLY A 142 11.12 -9.11 -0.44
N THR A 143 10.62 -10.31 -0.56
CA THR A 143 10.56 -11.27 0.49
C THR A 143 11.77 -11.35 1.38
N GLY A 144 12.96 -11.39 0.76
CA GLY A 144 14.19 -11.42 1.49
C GLY A 144 14.35 -10.24 2.32
N TRP A 145 14.07 -9.12 1.72
CA TRP A 145 14.17 -7.91 2.37
C TRP A 145 13.21 -7.77 3.46
N GLY A 146 12.03 -8.32 3.29
CA GLY A 146 10.97 -8.20 4.23
C GLY A 146 11.37 -8.59 5.56
N SER A 147 11.87 -9.79 5.57
CA SER A 147 12.35 -10.32 6.78
C SER A 147 13.45 -9.49 7.21
N LEU A 148 14.32 -9.13 6.29
CA LEU A 148 15.49 -8.40 6.55
C LEU A 148 15.19 -7.24 7.35
N VAL A 149 14.19 -6.52 6.93
CA VAL A 149 13.76 -5.39 7.60
C VAL A 149 13.43 -5.66 9.00
N LEU A 150 12.69 -6.72 9.27
CA LEU A 150 12.24 -6.97 10.60
C LEU A 150 13.33 -6.99 11.53
N GLN A 151 14.39 -7.60 11.06
CA GLN A 151 15.57 -7.56 11.79
C GLN A 151 16.08 -6.19 11.88
N LEU A 152 16.32 -5.52 10.79
CA LEU A 152 16.90 -4.24 10.78
C LEU A 152 16.35 -3.21 11.61
N ILE A 153 15.06 -3.29 11.78
CA ILE A 153 14.38 -2.37 12.59
C ILE A 153 14.77 -2.54 13.94
N ARG A 154 14.87 -3.80 14.31
CA ARG A 154 15.31 -4.18 15.58
C ARG A 154 16.67 -3.67 15.71
N GLU A 155 17.46 -3.87 14.66
CA GLU A 155 18.81 -3.45 14.57
C GLU A 155 18.96 -2.01 14.37
N GLN A 156 17.88 -1.25 14.61
CA GLN A 156 17.88 0.17 14.76
C GLN A 156 18.37 0.93 13.59
N PHE A 157 18.47 0.30 12.43
CA PHE A 157 18.92 1.00 11.25
C PHE A 157 17.83 1.83 10.80
N PHE A 158 16.67 1.37 11.22
CA PHE A 158 15.44 1.99 10.97
C PHE A 158 15.05 2.51 12.26
N PRO A 159 14.87 3.81 12.30
CA PRO A 159 14.33 4.41 13.50
C PRO A 159 13.02 5.06 13.17
N CYS A 160 12.46 4.93 11.94
CA CYS A 160 11.12 5.37 11.68
C CYS A 160 10.32 4.14 11.61
N PRO A 161 9.01 4.16 11.66
CA PRO A 161 8.28 2.93 11.58
C PRO A 161 8.21 2.61 10.17
N VAL A 162 7.70 1.43 9.91
CA VAL A 162 7.57 0.86 8.62
C VAL A 162 6.11 0.70 8.43
N SER A 163 5.68 1.00 7.18
CA SER A 163 4.39 0.71 6.65
C SER A 163 4.68 -0.20 5.50
N MET A 164 3.89 -1.30 5.37
CA MET A 164 4.17 -2.28 4.36
C MET A 164 3.09 -2.26 3.37
N LEU A 165 3.53 -2.14 2.11
CA LEU A 165 2.68 -2.16 1.00
C LEU A 165 2.92 -3.41 0.34
N ILE A 166 1.95 -4.28 0.39
CA ILE A 166 2.13 -5.60 -0.04
C ILE A 166 1.11 -5.78 -1.04
N SER A 167 1.48 -6.38 -2.16
CA SER A 167 0.52 -6.81 -3.12
C SER A 167 0.41 -8.25 -2.92
N LEU A 168 -0.80 -8.77 -2.98
CA LEU A 168 -1.00 -10.16 -2.97
C LEU A 168 -1.19 -10.50 -4.38
N PRO A 169 -0.49 -11.48 -4.86
CA PRO A 169 -0.43 -11.85 -6.23
C PRO A 169 -1.71 -12.46 -6.64
N SER A 170 -1.59 -13.31 -7.67
CA SER A 170 -2.65 -14.09 -8.18
C SER A 170 -1.90 -15.28 -8.66
N GLY A 171 -2.38 -16.50 -8.35
CA GLY A 171 -1.81 -17.77 -8.76
C GLY A 171 -0.40 -18.09 -8.36
N ASP A 172 0.00 -19.29 -8.81
CA ASP A 172 1.29 -19.86 -8.65
C ASP A 172 1.42 -20.24 -7.21
N PRO A 173 1.29 -21.49 -6.90
CA PRO A 173 1.37 -21.97 -5.56
C PRO A 173 2.64 -21.61 -4.89
N ASP A 174 3.73 -21.46 -5.60
CA ASP A 174 4.96 -21.29 -4.92
C ASP A 174 4.97 -20.04 -4.24
N GLU A 175 4.61 -19.04 -4.99
CA GLU A 175 4.49 -17.73 -4.55
C GLU A 175 3.64 -17.66 -3.42
N ILE A 176 2.54 -18.39 -3.54
CA ILE A 176 1.56 -18.48 -2.53
C ILE A 176 2.22 -18.83 -1.27
N ASN A 177 3.12 -19.76 -1.30
CA ASN A 177 3.63 -20.20 -0.08
C ASN A 177 4.41 -19.19 0.54
N ASN A 178 5.23 -18.64 -0.31
CA ASN A 178 6.25 -17.77 0.10
C ASN A 178 5.64 -16.64 0.75
N ALA A 179 4.58 -16.26 0.14
CA ALA A 179 3.81 -15.25 0.63
C ALA A 179 3.20 -15.53 1.91
N LEU A 180 2.65 -16.73 2.00
CA LEU A 180 1.80 -16.95 3.10
C LEU A 180 2.56 -16.96 4.28
N VAL A 181 3.66 -17.65 4.19
CA VAL A 181 4.57 -17.74 5.25
C VAL A 181 5.07 -16.45 5.60
N LEU A 182 5.19 -15.60 4.60
CA LEU A 182 5.70 -14.35 4.88
C LEU A 182 4.73 -13.66 5.70
N LEU A 183 3.51 -13.65 5.25
CA LEU A 183 2.46 -13.07 5.95
C LEU A 183 2.30 -13.59 7.28
N SER A 184 2.54 -14.85 7.43
CA SER A 184 2.42 -15.48 8.67
C SER A 184 3.34 -14.90 9.64
N GLU A 185 4.59 -14.79 9.23
CA GLU A 185 5.61 -14.35 10.12
C GLU A 185 5.37 -13.00 10.62
N ILE A 186 4.82 -12.23 9.72
CA ILE A 186 4.56 -10.89 9.96
C ILE A 186 3.53 -10.84 10.95
N ASP A 187 2.53 -11.66 10.71
CA ASP A 187 1.39 -11.74 11.50
C ASP A 187 1.80 -12.02 12.87
N GLU A 188 2.75 -12.91 13.01
CA GLU A 188 3.18 -13.20 14.30
C GLU A 188 3.63 -12.04 14.93
N PHE A 189 4.50 -11.38 14.25
CA PHE A 189 5.15 -10.27 14.74
C PHE A 189 4.22 -9.30 15.23
N MET A 190 3.16 -9.14 14.46
CA MET A 190 2.15 -8.20 14.75
C MET A 190 1.54 -8.56 15.98
N ARG A 191 1.34 -9.82 16.17
CA ARG A 191 0.69 -10.20 17.32
C ARG A 191 1.53 -10.01 18.48
N GLU A 192 2.79 -10.38 18.35
CA GLU A 192 3.68 -10.13 19.41
C GLU A 192 3.72 -8.76 19.90
N GLN A 193 3.95 -7.83 19.02
CA GLN A 193 4.20 -6.52 19.50
C GLN A 193 3.16 -5.91 20.37
N ASP A 194 1.89 -6.15 20.14
CA ASP A 194 0.88 -5.48 20.91
C ASP A 194 0.87 -5.86 22.31
N ARG A 195 1.25 -7.09 22.53
CA ARG A 195 1.29 -7.64 23.82
C ARG A 195 2.66 -7.45 24.27
N LEU A 196 3.54 -6.97 23.41
CA LEU A 196 4.90 -6.77 23.75
C LEU A 196 5.01 -5.36 24.15
N PHE A 197 4.06 -4.58 23.71
CA PHE A 197 4.01 -3.24 23.99
C PHE A 197 2.82 -3.24 24.75
N GLY A 198 2.38 -2.02 24.95
CA GLY A 198 1.08 -1.77 25.39
C GLY A 198 0.38 -1.82 24.10
N ASN A 199 -0.82 -1.28 24.12
CA ASN A 199 -1.61 -1.28 22.95
C ASN A 199 -1.85 0.14 22.58
N SER A 200 -1.12 1.06 23.24
CA SER A 200 -1.28 2.47 23.04
C SER A 200 0.03 2.99 22.62
N ASP A 201 0.81 2.12 21.98
CA ASP A 201 2.21 2.33 21.85
C ASP A 201 2.42 2.56 20.42
N ILE A 202 3.51 3.25 20.12
CA ILE A 202 3.91 3.44 18.77
C ILE A 202 4.31 2.14 18.26
N LYS A 203 3.61 1.71 17.21
CA LYS A 203 3.88 0.42 16.73
C LYS A 203 4.94 0.62 15.76
N PRO A 204 5.99 -0.14 15.87
CA PRO A 204 7.11 -0.04 14.99
C PRO A 204 6.69 -0.43 13.63
N LEU A 205 5.69 -1.32 13.59
CA LEU A 205 5.04 -1.74 12.42
C LEU A 205 3.73 -1.08 12.54
N ALA A 206 3.59 -0.02 11.74
CA ALA A 206 2.49 0.85 11.82
C ALA A 206 1.18 0.23 11.35
N ASN A 207 1.23 -0.59 10.28
CA ASN A 207 0.05 -1.10 9.64
C ASN A 207 0.46 -1.89 8.45
N VAL A 208 -0.47 -2.64 7.87
CA VAL A 208 -0.23 -3.26 6.62
C VAL A 208 -1.32 -3.01 5.70
N ILE A 209 -0.91 -2.56 4.51
CA ILE A 209 -1.74 -2.37 3.37
C ILE A 209 -1.42 -3.45 2.35
N VAL A 210 -2.44 -4.26 2.00
CA VAL A 210 -2.37 -5.32 1.04
C VAL A 210 -3.09 -4.92 -0.20
N ASN A 211 -2.73 -5.42 -1.40
CA ASN A 211 -3.59 -5.23 -2.56
C ASN A 211 -3.76 -6.54 -3.28
N ASP A 212 -4.99 -6.96 -3.73
CA ASP A 212 -5.12 -8.13 -4.61
C ASP A 212 -5.29 -7.80 -6.03
N ASN A 213 -4.33 -8.32 -6.75
CA ASN A 213 -4.21 -8.22 -8.12
C ASN A 213 -5.35 -8.76 -8.88
N THR A 214 -5.83 -9.90 -8.43
CA THR A 214 -6.79 -10.63 -9.16
C THR A 214 -8.01 -9.86 -9.35
N GLN A 215 -8.41 -9.42 -8.18
CA GLN A 215 -9.52 -8.62 -7.89
C GLN A 215 -9.41 -7.44 -8.65
N MET A 216 -8.19 -6.95 -8.72
CA MET A 216 -8.05 -5.73 -9.37
C MET A 216 -8.25 -5.86 -10.78
N GLN A 217 -7.67 -6.83 -11.43
CA GLN A 217 -7.86 -6.94 -12.83
C GLN A 217 -9.22 -7.01 -13.25
N ARG A 218 -10.00 -7.65 -12.41
CA ARG A 218 -11.35 -7.80 -12.70
C ARG A 218 -11.96 -6.50 -12.71
N ILE A 219 -11.64 -5.74 -11.71
CA ILE A 219 -12.20 -4.46 -11.56
C ILE A 219 -11.87 -3.63 -12.68
N ILE A 220 -10.71 -3.86 -13.17
CA ILE A 220 -10.16 -2.99 -14.08
C ILE A 220 -10.86 -3.09 -15.31
N GLU A 221 -11.11 -4.30 -15.69
CA GLU A 221 -11.77 -4.43 -16.92
C GLU A 221 -13.10 -3.96 -16.81
N SER A 222 -13.59 -3.95 -15.59
CA SER A 222 -14.87 -3.45 -15.34
C SER A 222 -14.96 -2.09 -15.77
N GLN A 223 -14.00 -1.32 -15.36
CA GLN A 223 -14.06 0.03 -15.68
C GLN A 223 -13.79 0.34 -17.07
N LYS A 224 -13.74 -0.62 -18.00
CA LYS A 224 -13.88 -0.35 -19.40
C LYS A 224 -12.84 0.57 -19.87
N GLY A 225 -12.86 0.98 -21.13
CA GLY A 225 -11.76 1.81 -21.50
C GLY A 225 -12.01 2.12 -22.88
N THR A 226 -13.24 2.48 -23.06
CA THR A 226 -13.72 3.12 -24.18
C THR A 226 -14.11 4.41 -23.69
N LYS A 227 -13.94 4.56 -22.37
CA LYS A 227 -14.11 5.77 -21.71
C LYS A 227 -12.90 6.48 -22.10
N ASP A 228 -11.84 5.77 -22.53
CA ASP A 228 -10.77 6.47 -23.12
C ASP A 228 -10.20 5.51 -24.06
N LEU A 229 -9.21 5.97 -24.82
CA LEU A 229 -8.80 5.34 -26.03
C LEU A 229 -7.52 4.69 -25.89
N LYS A 230 -6.72 5.19 -24.99
CA LYS A 230 -5.36 4.74 -24.82
C LYS A 230 -5.38 3.68 -23.83
N ASN A 231 -6.56 3.59 -23.24
CA ASN A 231 -7.03 2.61 -22.37
C ASN A 231 -6.95 1.37 -23.13
N ARG A 232 -7.25 1.53 -24.40
CA ARG A 232 -7.25 0.50 -25.34
C ARG A 232 -5.88 0.11 -25.70
N TYR A 233 -4.91 0.41 -24.86
CA TYR A 233 -3.55 0.21 -25.11
C TYR A 233 -2.93 0.09 -23.83
N VAL A 234 -3.69 -0.16 -22.77
CA VAL A 234 -3.08 -0.21 -21.49
C VAL A 234 -3.03 -1.53 -20.86
N ASN A 235 -2.19 -1.53 -19.85
CA ASN A 235 -1.95 -2.55 -18.96
C ASN A 235 -2.62 -2.15 -17.74
N TRP A 236 -3.19 -3.17 -17.18
CA TRP A 236 -3.89 -3.09 -15.98
C TRP A 236 -3.08 -2.57 -14.91
N LYS A 237 -1.90 -3.13 -14.63
CA LYS A 237 -1.09 -2.63 -13.58
C LYS A 237 -0.92 -1.24 -13.74
N GLU A 238 -0.71 -0.84 -14.97
CA GLU A 238 -0.43 0.52 -15.15
C GLU A 238 -1.47 1.38 -14.72
N VAL A 239 -2.64 0.91 -14.77
CA VAL A 239 -3.67 1.74 -14.32
C VAL A 239 -3.74 1.67 -12.88
N ALA A 240 -3.61 0.46 -12.42
CA ALA A 240 -3.95 0.06 -11.13
C ALA A 240 -3.22 0.84 -10.18
N ASN A 241 -1.97 0.82 -10.47
CA ASN A 241 -0.97 1.49 -9.82
C ASN A 241 -1.36 2.85 -9.61
N ASP A 242 -1.81 3.46 -10.71
CA ASP A 242 -2.15 4.84 -10.63
C ASP A 242 -3.09 5.10 -9.60
N ASN A 243 -4.10 4.27 -9.55
CA ASN A 243 -5.06 4.48 -8.56
C ASN A 243 -4.50 4.39 -7.28
N VAL A 244 -3.79 3.35 -7.09
CA VAL A 244 -3.44 2.97 -5.82
C VAL A 244 -2.68 3.98 -5.16
N VAL A 245 -1.64 4.32 -5.83
CA VAL A 245 -0.74 5.25 -5.33
C VAL A 245 -1.40 6.51 -5.14
N SER A 246 -2.20 6.85 -6.13
CA SER A 246 -2.73 8.14 -6.16
C SER A 246 -3.51 8.33 -4.98
N THR A 247 -4.21 7.30 -4.60
CA THR A 247 -5.07 7.41 -3.52
C THR A 247 -4.38 7.82 -2.37
N LEU A 248 -3.35 7.07 -2.13
CA LEU A 248 -2.59 7.26 -0.99
C LEU A 248 -2.08 8.61 -0.91
N HIS A 249 -1.58 8.95 -2.05
CA HIS A 249 -0.93 10.14 -2.21
C HIS A 249 -1.83 11.23 -1.89
N GLU A 250 -2.99 11.06 -2.45
CA GLU A 250 -3.98 12.02 -2.34
C GLU A 250 -4.33 12.25 -0.99
N ILE A 251 -4.58 11.18 -0.31
CA ILE A 251 -5.08 11.39 0.98
C ILE A 251 -4.09 12.00 1.82
N ASN A 252 -2.84 11.92 1.43
CA ASN A 252 -1.87 12.51 2.24
C ASN A 252 -2.03 13.94 2.00
N ILE A 253 -2.14 14.33 0.76
CA ILE A 253 -2.29 15.74 0.54
C ILE A 253 -3.45 16.32 1.23
N ILE A 254 -4.60 15.74 1.03
CA ILE A 254 -5.78 16.48 1.22
C ILE A 254 -5.95 17.10 2.53
N PRO A 255 -5.82 16.46 3.63
CA PRO A 255 -6.10 17.06 4.90
C PRO A 255 -5.15 18.11 5.17
N GLU A 256 -4.04 17.99 4.51
CA GLU A 256 -2.99 18.84 4.82
C GLU A 256 -3.31 20.09 4.19
N ASN A 257 -3.97 20.05 3.06
CA ASN A 257 -4.07 21.24 2.33
C ASN A 257 -5.41 21.67 2.31
N TYR A 258 -6.25 20.93 2.94
CA TYR A 258 -7.58 21.32 2.88
C TYR A 258 -7.92 21.39 4.20
N GLY A 259 -9.06 22.06 4.29
CA GLY A 259 -9.83 22.30 5.44
C GLY A 259 -11.22 21.95 5.02
N SER A 260 -12.15 22.36 5.88
CA SER A 260 -13.51 22.05 5.85
C SER A 260 -14.08 23.23 6.54
N ASP A 261 -15.40 23.32 6.63
CA ASP A 261 -16.03 24.28 7.50
C ASP A 261 -16.71 23.48 8.55
N ASN A 262 -16.44 22.17 8.60
CA ASN A 262 -17.06 21.32 9.54
C ASN A 262 -15.95 20.41 9.86
N VAL A 263 -16.24 19.17 10.28
CA VAL A 263 -15.26 18.24 10.77
C VAL A 263 -14.08 18.15 9.92
N THR A 264 -12.97 18.15 10.64
CA THR A 264 -11.70 18.31 10.09
C THR A 264 -10.96 17.12 10.54
N TYR A 265 -10.56 16.35 9.54
CA TYR A 265 -9.59 15.31 9.59
C TYR A 265 -8.26 15.99 9.71
N ASP A 266 -7.18 15.28 10.03
CA ASP A 266 -5.94 15.97 10.07
C ASP A 266 -4.92 14.91 10.13
N PRO A 267 -3.71 15.29 9.87
CA PRO A 267 -2.56 14.46 9.94
C PRO A 267 -2.47 13.64 11.13
N SER A 268 -2.70 14.18 12.30
CA SER A 268 -2.50 13.49 13.53
C SER A 268 -3.30 12.30 13.60
N ASP A 269 -4.45 12.45 13.00
CA ASP A 269 -5.41 11.44 12.91
C ASP A 269 -4.80 10.39 12.21
N LEU A 270 -4.24 10.75 11.10
CA LEU A 270 -3.60 9.86 10.26
C LEU A 270 -2.56 9.22 10.98
N ILE A 271 -1.83 9.98 11.74
CA ILE A 271 -0.72 9.43 12.37
C ILE A 271 -1.11 8.37 13.27
N LYS A 272 -2.13 8.68 14.02
CA LYS A 272 -2.66 7.82 14.99
C LYS A 272 -3.06 6.61 14.32
N LEU A 273 -3.80 6.91 13.28
CA LEU A 273 -4.47 5.99 12.50
C LEU A 273 -3.51 5.10 11.96
N LEU A 274 -2.34 5.59 11.66
CA LEU A 274 -1.53 4.71 10.96
C LEU A 274 -0.66 3.98 11.84
N SER A 275 -0.46 4.39 13.07
CA SER A 275 0.68 3.79 13.70
C SER A 275 0.26 2.70 14.52
N ILE A 276 -0.60 3.11 15.40
CA ILE A 276 -1.03 2.36 16.48
C ILE A 276 -1.72 1.14 16.04
N PRO A 277 -2.58 1.04 15.04
CA PRO A 277 -3.30 -0.19 14.76
C PRO A 277 -2.39 -1.26 14.42
N GLY A 278 -1.30 -0.93 13.75
CA GLY A 278 -0.26 -1.85 13.58
C GLY A 278 -0.64 -2.89 12.64
N ARG A 279 -1.87 -2.90 12.10
CA ARG A 279 -2.25 -4.07 11.43
C ARG A 279 -2.96 -3.66 10.30
N PHE A 280 -3.86 -4.53 9.92
CA PHE A 280 -4.28 -4.49 8.60
C PHE A 280 -5.16 -3.35 8.48
N LEU A 281 -4.91 -2.63 7.43
CA LEU A 281 -5.56 -1.41 7.19
C LEU A 281 -6.05 -1.47 5.80
N THR A 282 -7.19 -0.81 5.50
CA THR A 282 -7.79 -0.74 4.21
C THR A 282 -8.38 0.61 4.02
N ILE A 283 -8.56 1.02 2.75
CA ILE A 283 -9.06 2.31 2.39
C ILE A 283 -10.10 2.15 1.30
N GLY A 284 -11.25 2.90 1.35
CA GLY A 284 -12.27 3.07 0.31
C GLY A 284 -12.41 4.51 -0.12
N LYS A 285 -12.28 4.82 -1.40
CA LYS A 285 -12.40 6.10 -2.01
C LYS A 285 -13.64 6.04 -2.79
N ALA A 286 -14.65 6.85 -2.50
CA ALA A 286 -15.90 6.66 -3.15
C ALA A 286 -16.27 7.87 -3.87
N ARG A 287 -16.42 7.85 -5.20
CA ARG A 287 -16.97 8.99 -5.85
C ARG A 287 -18.38 8.96 -5.52
N ILE A 288 -18.88 10.14 -5.34
CA ILE A 288 -20.18 10.38 -4.97
C ILE A 288 -20.42 11.49 -5.86
N ALA A 289 -21.16 11.23 -6.91
CA ALA A 289 -21.61 12.25 -7.79
C ALA A 289 -23.11 12.11 -7.87
N LYS A 290 -23.74 11.35 -6.98
CA LYS A 290 -25.16 11.08 -7.06
C LYS A 290 -25.60 11.22 -5.68
N PHE A 291 -26.81 11.73 -5.49
CA PHE A 291 -27.04 12.38 -4.23
C PHE A 291 -28.19 11.85 -3.56
N ASP A 292 -28.13 10.62 -3.05
CA ASP A 292 -29.18 10.25 -2.17
C ASP A 292 -28.66 9.23 -1.31
N LEU A 293 -29.33 9.11 -0.22
CA LEU A 293 -29.07 8.18 0.81
C LEU A 293 -28.91 6.82 0.34
N HIS A 294 -29.75 6.39 -0.59
CA HIS A 294 -29.66 5.04 -1.02
C HIS A 294 -28.41 4.98 -1.76
N SER A 295 -28.20 5.85 -2.73
CA SER A 295 -27.03 5.73 -3.51
C SER A 295 -25.78 5.94 -2.83
N LEU A 296 -25.89 6.66 -1.77
CA LEU A 296 -24.85 6.97 -0.92
C LEU A 296 -24.40 5.70 -0.41
N GLU A 297 -25.35 4.98 0.11
CA GLU A 297 -25.14 3.70 0.63
C GLU A 297 -24.52 2.84 -0.35
N ASN A 298 -24.89 3.00 -1.59
CA ASN A 298 -24.51 2.05 -2.55
C ASN A 298 -23.14 2.18 -2.80
N SER A 299 -22.77 3.39 -2.99
CA SER A 299 -21.47 3.67 -3.37
C SER A 299 -20.62 3.39 -2.25
N ILE A 300 -21.16 3.52 -1.07
CA ILE A 300 -20.48 3.16 0.09
C ILE A 300 -20.20 1.76 0.03
N LYS A 301 -21.23 1.01 -0.19
CA LYS A 301 -21.11 -0.36 -0.13
C LYS A 301 -20.17 -0.79 -1.09
N ARG A 302 -20.31 -0.23 -2.24
CA ARG A 302 -19.52 -0.53 -3.31
C ARG A 302 -18.17 -0.27 -2.98
N SER A 303 -17.94 0.82 -2.35
CA SER A 303 -16.61 1.21 -2.17
C SER A 303 -15.98 0.31 -1.26
N LEU A 304 -16.72 -0.26 -0.35
CA LEU A 304 -16.07 -1.06 0.59
C LEU A 304 -15.79 -2.34 -0.01
N ASP A 305 -16.73 -2.74 -0.80
CA ASP A 305 -16.87 -4.10 -1.08
C ASP A 305 -16.10 -4.36 -2.25
N GLU A 306 -16.12 -3.37 -3.05
CA GLU A 306 -15.65 -3.35 -4.32
C GLU A 306 -14.78 -2.19 -4.04
N GLY A 307 -14.03 -2.32 -2.91
CA GLY A 307 -12.89 -1.51 -2.60
C GLY A 307 -11.76 -2.01 -3.45
N PHE A 308 -10.66 -1.26 -3.52
CA PHE A 308 -9.58 -1.50 -4.46
C PHE A 308 -8.56 -2.27 -3.73
N PHE A 309 -8.54 -2.06 -2.42
CA PHE A 309 -7.57 -2.64 -1.58
C PHE A 309 -8.21 -3.84 -1.02
N SER A 310 -9.54 -4.04 -1.30
CA SER A 310 -10.38 -5.03 -0.67
C SER A 310 -9.83 -6.43 -0.79
N ALA A 311 -9.99 -7.24 0.28
CA ALA A 311 -9.33 -8.53 0.39
C ALA A 311 -10.12 -9.44 1.23
N GLU A 312 -11.34 -9.01 1.52
CA GLU A 312 -12.23 -9.76 2.33
C GLU A 312 -11.69 -9.83 3.67
N HIS A 313 -11.36 -8.66 4.17
CA HIS A 313 -10.94 -8.57 5.49
C HIS A 313 -12.15 -8.34 6.31
N GLN A 314 -11.94 -8.73 7.54
CA GLN A 314 -12.83 -9.11 8.54
C GLN A 314 -12.98 -7.92 9.38
N PHE A 315 -14.04 -7.19 9.11
CA PHE A 315 -14.23 -5.83 9.53
C PHE A 315 -14.17 -5.54 10.95
N GLU A 316 -14.72 -6.41 11.69
CA GLU A 316 -14.85 -6.42 13.07
C GLU A 316 -13.57 -6.81 13.69
N THR A 317 -12.54 -7.19 12.89
CA THR A 317 -11.24 -7.43 13.44
C THR A 317 -10.54 -6.13 13.43
N ALA A 318 -11.19 -5.10 12.89
CA ALA A 318 -10.68 -3.78 12.96
C ALA A 318 -11.01 -3.34 14.31
N THR A 319 -10.40 -2.22 14.63
CA THR A 319 -10.43 -1.61 15.90
C THR A 319 -10.51 -0.16 15.70
N MET A 320 -10.39 0.30 14.45
CA MET A 320 -10.18 1.68 14.34
C MET A 320 -10.61 2.09 12.99
N TYR A 321 -11.21 3.30 12.87
CA TYR A 321 -11.75 3.79 11.65
C TYR A 321 -11.32 5.17 11.37
N GLY A 322 -11.56 5.63 10.14
CA GLY A 322 -11.16 6.93 9.75
C GLY A 322 -11.74 7.20 8.40
N GLY A 323 -11.42 8.36 7.82
CA GLY A 323 -11.70 8.69 6.46
C GLY A 323 -12.33 10.02 6.47
N PHE A 324 -12.77 10.50 5.33
CA PHE A 324 -13.34 11.78 5.27
C PHE A 324 -13.99 11.85 3.97
N VAL A 325 -15.00 12.70 3.85
CA VAL A 325 -15.58 12.96 2.57
C VAL A 325 -15.29 14.32 2.06
N LEU A 326 -14.54 14.37 0.99
CA LEU A 326 -14.29 15.58 0.34
C LEU A 326 -15.36 15.97 -0.53
N ARG A 327 -16.11 16.91 -0.07
CA ARG A 327 -17.33 17.20 -0.64
C ARG A 327 -17.30 18.59 -0.98
N PRO A 328 -18.10 18.98 -1.93
CA PRO A 328 -18.25 20.32 -2.34
C PRO A 328 -18.98 20.99 -1.35
N SER A 329 -18.65 22.24 -1.22
CA SER A 329 -19.12 23.00 -0.13
C SER A 329 -20.47 23.51 -0.43
N ASN A 330 -20.86 23.47 -1.67
CA ASN A 330 -22.17 23.88 -1.98
C ASN A 330 -23.07 22.73 -1.86
N ALA A 331 -22.62 21.60 -1.29
CA ALA A 331 -23.32 20.37 -1.44
C ALA A 331 -24.00 19.97 -0.17
N ASP A 332 -25.10 20.65 -0.04
CA ASP A 332 -26.11 20.87 0.94
C ASP A 332 -26.73 19.63 1.40
N PHE A 333 -26.93 18.81 0.42
CA PHE A 333 -27.38 17.50 0.55
C PHE A 333 -26.51 16.70 1.46
N PHE A 334 -25.30 17.14 1.70
CA PHE A 334 -24.44 16.49 2.61
C PHE A 334 -24.37 17.17 3.86
N LYS A 335 -24.73 18.43 3.81
CA LYS A 335 -24.68 19.32 4.91
C LYS A 335 -25.65 18.84 5.84
N ASP A 336 -26.77 18.46 5.27
CA ASP A 336 -27.68 17.72 6.01
C ASP A 336 -27.06 16.56 6.73
N VAL A 337 -27.54 16.48 7.94
CA VAL A 337 -27.24 15.64 9.01
C VAL A 337 -27.61 14.21 8.86
N ASN A 338 -28.68 13.94 8.18
CA ASN A 338 -29.34 12.67 8.09
C ASN A 338 -28.52 11.77 7.52
N THR A 339 -27.98 12.34 6.51
CA THR A 339 -26.93 11.90 5.73
C THR A 339 -25.92 11.33 6.61
N GLU A 340 -25.46 12.10 7.56
CA GLU A 340 -24.36 11.73 8.35
C GLU A 340 -24.63 10.55 9.11
N ASN A 341 -25.87 10.55 9.49
CA ASN A 341 -26.31 9.61 10.39
C ASN A 341 -26.33 8.45 9.67
N ARG A 342 -26.89 8.56 8.51
CA ARG A 342 -27.12 7.48 7.70
C ARG A 342 -25.90 6.77 7.52
N ILE A 343 -24.89 7.49 7.10
CA ILE A 343 -23.57 7.04 6.88
C ILE A 343 -23.07 6.32 7.97
N ARG A 344 -23.32 6.85 9.14
CA ARG A 344 -22.76 6.28 10.28
C ARG A 344 -23.20 4.91 10.37
N ASN A 345 -24.47 4.81 10.20
CA ASN A 345 -25.18 3.64 10.44
C ASN A 345 -24.82 2.68 9.45
N THR A 346 -24.58 3.18 8.27
CA THR A 346 -24.28 2.36 7.19
C THR A 346 -23.10 1.55 7.46
N LEU A 347 -22.09 2.25 7.91
CA LEU A 347 -20.85 1.67 8.26
C LEU A 347 -20.98 0.76 9.38
N GLY A 348 -21.91 1.12 10.27
CA GLY A 348 -22.15 0.38 11.45
C GLY A 348 -22.44 -1.05 11.15
N GLU A 349 -22.97 -1.30 9.97
CA GLU A 349 -23.36 -2.60 9.55
C GLU A 349 -22.26 -3.54 9.42
N TYR A 350 -21.04 -3.09 9.24
CA TYR A 350 -19.99 -4.04 9.06
C TYR A 350 -19.31 -4.26 10.31
N LYS A 351 -19.66 -3.41 11.29
CA LYS A 351 -19.16 -3.42 12.61
C LYS A 351 -19.47 -2.01 12.97
N ARG A 352 -19.76 -1.73 14.25
CA ARG A 352 -20.26 -0.45 14.62
C ARG A 352 -19.16 0.35 15.18
N LEU A 353 -18.87 1.41 14.44
CA LEU A 353 -17.76 2.31 14.57
C LEU A 353 -17.63 2.84 15.92
N ASP A 354 -18.77 3.00 16.49
CA ASP A 354 -19.08 3.54 17.74
C ASP A 354 -18.74 2.59 18.81
N GLU A 355 -17.96 1.58 18.52
CA GLU A 355 -17.54 0.69 19.54
C GLU A 355 -16.10 0.80 19.56
N ILE A 356 -15.56 1.52 18.57
CA ILE A 356 -14.18 1.60 18.34
C ILE A 356 -13.85 3.00 18.03
N ALA A 357 -12.54 3.22 17.99
CA ALA A 357 -11.90 4.46 17.69
C ALA A 357 -12.01 4.83 16.29
N GLY A 358 -12.12 6.13 16.02
CA GLY A 358 -11.80 6.57 14.72
C GLY A 358 -12.43 7.85 14.64
N LYS A 359 -12.45 8.44 13.46
CA LYS A 359 -13.10 9.70 13.38
C LYS A 359 -13.40 9.79 11.97
N PHE A 360 -13.91 10.96 11.57
CA PHE A 360 -14.20 11.12 10.20
C PHE A 360 -14.20 12.56 9.85
N GLY A 361 -13.76 12.92 8.64
CA GLY A 361 -13.70 14.30 8.19
C GLY A 361 -14.70 14.49 7.12
N ASP A 362 -14.93 15.77 6.72
CA ASP A 362 -15.88 16.10 5.68
C ASP A 362 -15.49 17.30 4.82
N PRO A 363 -14.33 17.37 4.30
CA PRO A 363 -13.84 18.58 3.74
C PRO A 363 -14.52 19.05 2.58
N ILE A 364 -14.27 20.31 2.41
CA ILE A 364 -14.81 21.05 1.39
C ILE A 364 -13.92 20.83 0.27
N TRP A 365 -14.47 21.00 -0.88
CA TRP A 365 -13.69 21.39 -1.96
C TRP A 365 -14.75 22.03 -2.67
N ASP A 366 -14.46 22.22 -3.91
CA ASP A 366 -15.33 22.93 -4.72
C ASP A 366 -15.41 22.04 -5.82
N ASN A 367 -15.45 20.76 -5.55
CA ASN A 367 -15.70 19.93 -6.64
C ASN A 367 -17.14 19.89 -6.79
N GLU A 368 -17.54 19.11 -7.75
CA GLU A 368 -18.80 18.94 -8.31
C GLU A 368 -19.11 17.52 -8.19
N TYR A 369 -18.51 16.93 -7.19
CA TYR A 369 -18.88 15.66 -6.74
C TYR A 369 -17.99 15.59 -5.57
N ALA A 370 -18.17 14.53 -4.82
CA ALA A 370 -17.52 14.30 -3.59
C ALA A 370 -16.92 12.98 -3.65
N VAL A 371 -15.84 12.79 -2.90
CA VAL A 371 -15.22 11.53 -2.76
C VAL A 371 -15.06 11.19 -1.33
N CYS A 372 -15.50 10.00 -0.94
CA CYS A 372 -15.50 9.55 0.41
C CYS A 372 -14.43 8.58 0.61
N TYR A 373 -13.53 9.00 1.43
CA TYR A 373 -12.43 8.22 1.77
C TYR A 373 -12.74 7.66 3.07
N THR A 374 -12.55 6.35 3.18
CA THR A 374 -12.99 5.51 4.24
C THR A 374 -11.82 4.68 4.60
N ILE A 375 -11.51 4.44 5.88
CA ILE A 375 -10.36 3.67 6.24
C ILE A 375 -10.72 2.80 7.36
N PHE A 376 -10.52 1.47 7.27
CA PHE A 376 -10.70 0.61 8.41
C PHE A 376 -9.36 0.05 8.74
N ALA A 377 -8.93 0.13 10.02
CA ALA A 377 -7.64 -0.26 10.47
C ALA A 377 -7.58 -1.28 11.57
N GLY A 378 -6.38 -1.88 11.74
CA GLY A 378 -6.06 -2.74 12.83
C GLY A 378 -6.74 -4.03 12.70
N MET A 379 -7.15 -4.41 11.50
CA MET A 379 -7.80 -5.63 11.24
C MET A 379 -6.78 -6.66 11.25
N THR A 380 -7.18 -7.91 11.33
CA THR A 380 -6.30 -8.98 11.29
C THR A 380 -6.88 -10.02 10.45
N MET A 381 -6.09 -10.38 9.43
CA MET A 381 -6.31 -11.42 8.50
C MET A 381 -7.44 -11.18 7.56
N PRO A 382 -7.32 -11.30 6.29
CA PRO A 382 -8.44 -11.18 5.41
C PRO A 382 -8.62 -12.51 4.90
N LYS A 383 -9.83 -12.81 4.54
CA LYS A 383 -10.23 -14.12 4.22
C LYS A 383 -9.61 -14.59 3.02
N ARG A 384 -9.09 -13.69 2.24
CA ARG A 384 -8.28 -14.03 1.16
C ARG A 384 -7.16 -14.95 1.52
N TYR A 385 -6.66 -14.84 2.75
CA TYR A 385 -5.54 -15.59 3.23
C TYR A 385 -5.76 -17.02 3.06
N ILE A 386 -6.96 -17.29 3.39
CA ILE A 386 -7.55 -18.50 3.41
C ILE A 386 -7.74 -18.89 2.01
N SER A 387 -8.23 -17.96 1.22
CA SER A 387 -8.65 -18.29 -0.10
C SER A 387 -7.58 -18.70 -0.91
N LEU A 388 -6.46 -18.08 -0.57
CA LEU A 388 -5.21 -18.28 -1.12
C LEU A 388 -4.83 -19.58 -0.75
N ALA A 389 -4.95 -19.83 0.54
CA ALA A 389 -4.67 -21.12 1.04
C ALA A 389 -5.36 -22.17 0.24
N ARG A 390 -6.61 -21.94 -0.08
CA ARG A 390 -7.32 -22.99 -0.68
C ARG A 390 -6.97 -23.18 -2.05
N GLU A 391 -6.69 -22.12 -2.65
CA GLU A 391 -6.45 -22.04 -4.01
C GLU A 391 -5.22 -22.60 -4.42
N GLY A 392 -4.16 -22.41 -3.66
CA GLY A 392 -2.91 -22.96 -4.05
C GLY A 392 -2.93 -24.39 -3.88
N LYS A 393 -3.89 -24.86 -3.11
CA LYS A 393 -4.04 -26.24 -2.95
C LYS A 393 -4.70 -26.74 -4.14
N GLU A 394 -5.66 -25.96 -4.59
CA GLU A 394 -6.48 -26.21 -5.70
C GLU A 394 -5.72 -26.04 -6.94
N LEU A 395 -4.46 -25.69 -6.80
CA LEU A 395 -3.65 -25.49 -7.91
C LEU A 395 -2.74 -26.57 -7.90
N ALA A 396 -2.16 -26.76 -6.74
CA ALA A 396 -1.13 -27.70 -6.49
C ALA A 396 -1.57 -29.01 -6.94
N GLU A 397 -2.77 -29.32 -6.51
CA GLU A 397 -3.36 -30.54 -6.86
C GLU A 397 -3.69 -30.53 -8.28
N LYS A 398 -4.12 -29.40 -8.79
CA LYS A 398 -4.52 -29.42 -10.12
C LYS A 398 -3.46 -29.72 -11.09
N GLN A 399 -2.22 -29.68 -10.67
CA GLN A 399 -1.18 -29.91 -11.62
C GLN A 399 -0.36 -31.01 -11.17
N GLU A 400 -0.75 -31.52 -10.02
CA GLU A 400 -0.47 -32.85 -9.64
C GLU A 400 -1.18 -33.67 -10.59
N GLN A 401 -2.38 -33.27 -10.98
CA GLN A 401 -3.27 -34.05 -11.77
C GLN A 401 -2.57 -34.29 -12.97
N LEU A 402 -2.13 -33.16 -13.49
CA LEU A 402 -1.49 -33.02 -14.73
C LEU A 402 -0.23 -33.71 -14.65
N ARG A 403 0.29 -33.80 -13.45
CA ARG A 403 1.44 -34.56 -13.34
C ARG A 403 1.16 -36.03 -13.44
N ALA A 404 0.11 -36.51 -12.80
CA ALA A 404 -0.19 -37.90 -12.81
C ALA A 404 -0.70 -38.38 -14.11
N GLU A 405 -1.59 -37.62 -14.73
CA GLU A 405 -2.13 -37.85 -16.03
C GLU A 405 -1.17 -38.19 -17.10
N ALA A 406 -0.02 -37.54 -16.98
CA ALA A 406 0.91 -37.45 -18.03
C ALA A 406 2.13 -38.15 -17.62
N GLN A 407 2.08 -38.66 -16.40
CA GLN A 407 2.97 -39.65 -15.99
C GLN A 407 2.45 -40.89 -16.59
N ARG A 408 1.12 -40.92 -16.74
CA ARG A 408 0.46 -41.95 -17.42
C ARG A 408 0.84 -41.94 -18.83
N LYS A 409 0.80 -40.79 -19.49
CA LYS A 409 1.34 -40.65 -20.81
C LYS A 409 2.71 -41.24 -21.07
N GLN A 410 3.58 -41.33 -20.05
CA GLN A 410 4.86 -41.96 -20.14
C GLN A 410 4.68 -43.41 -20.27
N ASP A 411 3.86 -43.96 -19.35
CA ASP A 411 3.61 -45.36 -19.19
C ASP A 411 2.96 -45.85 -20.44
N GLU A 412 2.09 -45.01 -21.03
CA GLU A 412 1.25 -45.36 -22.13
C GLU A 412 2.11 -45.53 -23.34
N GLU A 413 3.22 -44.77 -23.47
CA GLU A 413 4.10 -44.97 -24.58
C GLU A 413 5.14 -45.99 -24.23
N LYS A 414 5.62 -46.68 -25.27
CA LYS A 414 6.82 -47.47 -25.29
C LYS A 414 8.02 -46.50 -25.36
PB GDP B . 11.32 -9.69 -8.00
O1B GDP B . 11.83 -9.96 -6.60
O2B GDP B . 11.47 -10.85 -8.95
O3B GDP B . 11.78 -8.38 -8.61
O3A GDP B . 9.67 -9.49 -7.79
PA GDP B . 8.59 -8.84 -8.74
O1A GDP B . 8.16 -7.53 -8.21
O2A GDP B . 9.15 -8.90 -10.08
O5' GDP B . 7.39 -9.83 -8.67
C5' GDP B . 6.67 -10.11 -7.46
C4' GDP B . 5.23 -9.69 -7.64
O4' GDP B . 5.14 -8.30 -7.94
C3' GDP B . 4.47 -10.37 -8.79
O3' GDP B . 3.11 -10.61 -8.40
C2' GDP B . 4.56 -9.37 -9.89
O2' GDP B . 3.50 -9.43 -10.81
C1' GDP B . 4.38 -8.18 -9.08
N9 GDP B . 4.78 -7.07 -9.77
C8 GDP B . 5.98 -6.77 -10.28
N7 GDP B . 6.00 -5.59 -10.76
C5 GDP B . 4.77 -5.12 -10.56
C6 GDP B . 4.32 -3.82 -10.69
O6 GDP B . 5.04 -2.89 -11.02
N1 GDP B . 2.94 -3.76 -10.46
C2 GDP B . 2.14 -4.83 -10.06
N2 GDP B . 0.82 -4.61 -10.03
N3 GDP B . 2.69 -6.00 -9.69
C4 GDP B . 3.98 -6.06 -10.02
#